data_9EBX
#
_entry.id   9EBX
#
_cell.length_a   34.350
_cell.length_b   57.980
_cell.length_c   67.319
_cell.angle_alpha   97.82
_cell.angle_beta   91.43
_cell.angle_gamma   104.24
#
_symmetry.space_group_name_H-M   'P 1'
#
loop_
_entity.id
_entity.type
_entity.pdbx_description
1 polymer 'Green fluorescent protein,Methyl-accepting chemotaxis transducer (TlpC)'
2 water water
#
_entity_poly.entity_id   1
_entity_poly.type   'polypeptide(L)'
_entity_poly.pdbx_seq_one_letter_code
;MKHHHHHHHVSKGEELFTGVVPILVELDGDVNGHKFSVSGEGEGDATYGKLTLKFICTTGKLPVPWPTLVTTL(SWG)VQ
CFARYPDHMKQHDFFKSAMPEGYVQERTIFFKDDGNYKTRAEVKFEGDTLVNRIELKGIDFKEDGNILGHKLEYNSSGRT
GIDPFTESVLQSQATELLQKKAQLVSFKIQGIMKRIFMGANTLEKFLSDENSAINDTLKRRMLSEFLLANPHVLLVSAIY
TNNNERVITAMSMDSKIAYPNTTLNENMTNQIRSLKSITHSDPYYKEVNGDKIYGMDITLPLMGKNQNAIGALNFFLNID
AFYTDVVGKKKSNTFLMGKDGRLLINPNREIQDKILSAINPDRRVAKAVEYYNQNEAGTLSYHSLSGNTETFLAIQPFDF
FEEKGNNGNHWRWAIGKYVNKSLVFSSHSNVYITADKQKNGIKANFKIRHNIEDGGVQLADHYQQNTPIGDGPVLLPDNH
YLSTQSKLSKDPNEKRDHMVLLEFVTAAGITLGMDELYQ
;
_entity_poly.pdbx_strand_id   A
#
# COMPACT_ATOMS: atom_id res chain seq x y z
N LYS A 12 -5.87 -28.34 3.02
CA LYS A 12 -6.49 -27.12 3.55
C LYS A 12 -7.21 -26.34 2.45
N GLY A 13 -6.49 -26.08 1.35
CA GLY A 13 -7.02 -25.31 0.24
C GLY A 13 -6.76 -23.81 0.37
N GLU A 14 -7.13 -23.25 1.54
CA GLU A 14 -6.84 -21.86 1.87
C GLU A 14 -5.37 -21.53 1.68
N GLU A 15 -4.50 -22.52 1.91
CA GLU A 15 -3.06 -22.36 1.73
C GLU A 15 -2.67 -21.89 0.32
N LEU A 16 -3.39 -22.38 -0.69
CA LEU A 16 -3.14 -21.99 -2.07
C LEU A 16 -3.34 -20.48 -2.25
N PHE A 17 -4.41 -19.94 -1.64
CA PHE A 17 -4.71 -18.53 -1.71
C PHE A 17 -4.05 -17.79 -0.54
N THR A 18 -2.75 -17.51 -0.68
CA THR A 18 -2.00 -16.76 0.31
C THR A 18 -1.35 -15.49 -0.26
N GLY A 19 -1.33 -15.37 -1.60
CA GLY A 19 -0.85 -14.18 -2.28
C GLY A 19 -1.58 -13.98 -3.60
N VAL A 20 -0.84 -13.49 -4.61
CA VAL A 20 -1.39 -13.30 -5.95
C VAL A 20 -1.46 -14.65 -6.66
N VAL A 21 -2.66 -14.99 -7.17
CA VAL A 21 -2.88 -16.19 -7.94
C VAL A 21 -3.36 -15.78 -9.32
N PRO A 22 -2.75 -16.27 -10.42
CA PRO A 22 -3.22 -15.94 -11.76
C PRO A 22 -4.62 -16.50 -12.05
N ILE A 23 -5.45 -15.65 -12.67
CA ILE A 23 -6.81 -16.00 -13.03
C ILE A 23 -6.92 -16.23 -14.53
N LEU A 24 -7.69 -17.25 -14.91
CA LEU A 24 -8.05 -17.49 -16.29
C LEU A 24 -9.55 -17.78 -16.36
N VAL A 25 -10.24 -17.15 -17.32
CA VAL A 25 -11.68 -17.33 -17.46
C VAL A 25 -12.03 -17.63 -18.93
N GLU A 26 -12.93 -18.60 -19.12
CA GLU A 26 -13.42 -18.99 -20.43
C GLU A 26 -14.94 -19.16 -20.37
N LEU A 27 -15.65 -18.56 -21.33
CA LEU A 27 -17.11 -18.57 -21.33
C LEU A 27 -17.61 -18.95 -22.72
N ASP A 28 -18.44 -20.00 -22.78
CA ASP A 28 -19.11 -20.41 -24.01
C ASP A 28 -20.58 -20.08 -23.81
N GLY A 29 -21.15 -19.25 -24.70
CA GLY A 29 -22.43 -18.62 -24.47
C GLY A 29 -23.40 -18.66 -25.64
N ASP A 30 -24.69 -18.87 -25.31
CA ASP A 30 -25.78 -18.74 -26.27
C ASP A 30 -26.94 -17.99 -25.63
N VAL A 31 -27.37 -16.89 -26.26
CA VAL A 31 -28.49 -16.11 -25.76
C VAL A 31 -29.52 -15.89 -26.87
N ASN A 32 -30.66 -16.59 -26.76
CA ASN A 32 -31.66 -16.62 -27.83
C ASN A 32 -31.01 -16.94 -29.17
N GLY A 33 -30.19 -17.99 -29.22
CA GLY A 33 -29.60 -18.40 -30.51
C GLY A 33 -28.32 -17.66 -30.81
N HIS A 34 -28.10 -16.55 -30.11
CA HIS A 34 -26.89 -15.72 -30.34
C HIS A 34 -25.72 -16.35 -29.58
N LYS A 35 -24.87 -17.07 -30.31
CA LYS A 35 -23.72 -17.78 -29.69
C LYS A 35 -22.56 -16.79 -29.54
N PHE A 36 -21.86 -16.87 -28.42
CA PHE A 36 -20.77 -15.90 -28.16
C PHE A 36 -19.73 -16.55 -27.28
N SER A 37 -18.51 -16.08 -27.39
CA SER A 37 -17.40 -16.66 -26.59
C SER A 37 -16.62 -15.54 -25.92
N VAL A 38 -16.31 -15.70 -24.63
CA VAL A 38 -15.58 -14.64 -23.88
C VAL A 38 -14.37 -15.25 -23.17
N SER A 39 -13.20 -14.65 -23.37
CA SER A 39 -11.99 -15.07 -22.69
C SER A 39 -11.51 -14.00 -21.71
N GLY A 40 -10.94 -14.44 -20.58
CA GLY A 40 -10.53 -13.54 -19.52
C GLY A 40 -9.22 -13.95 -18.85
N GLU A 41 -8.49 -12.95 -18.34
CA GLU A 41 -7.23 -13.15 -17.66
C GLU A 41 -7.06 -12.07 -16.59
N GLY A 42 -6.26 -12.39 -15.56
CA GLY A 42 -6.06 -11.49 -14.45
C GLY A 42 -5.41 -12.18 -13.26
N GLU A 43 -5.54 -11.54 -12.09
CA GLU A 43 -4.90 -12.01 -10.88
C GLU A 43 -5.82 -11.79 -9.69
N GLY A 44 -5.83 -12.77 -8.78
CA GLY A 44 -6.62 -12.68 -7.55
C GLY A 44 -5.72 -12.73 -6.33
N ASP A 45 -5.93 -11.78 -5.41
CA ASP A 45 -5.23 -11.76 -4.13
C ASP A 45 -6.26 -11.84 -3.00
N ALA A 46 -6.33 -13.01 -2.36
CA ALA A 46 -7.35 -13.29 -1.38
C ALA A 46 -6.95 -12.91 0.06
N THR A 47 -5.81 -12.24 0.20
CA THR A 47 -5.43 -11.61 1.46
C THR A 47 -6.31 -10.39 1.70
N TYR A 48 -6.32 -9.48 0.72
CA TYR A 48 -7.18 -8.31 0.75
C TYR A 48 -8.53 -8.58 0.11
N GLY A 49 -8.61 -9.69 -0.64
CA GLY A 49 -9.81 -10.03 -1.39
C GLY A 49 -9.99 -9.11 -2.60
N LYS A 50 -8.91 -8.92 -3.36
CA LYS A 50 -8.92 -8.07 -4.54
C LYS A 50 -8.76 -8.91 -5.80
N LEU A 51 -9.51 -8.54 -6.84
CA LEU A 51 -9.43 -9.18 -8.15
C LEU A 51 -9.31 -8.09 -9.20
N THR A 52 -8.40 -8.31 -10.15
CA THR A 52 -8.21 -7.42 -11.29
C THR A 52 -8.23 -8.30 -12.53
N LEU A 53 -9.31 -8.20 -13.31
CA LEU A 53 -9.53 -9.07 -14.44
C LEU A 53 -9.84 -8.23 -15.69
N LYS A 54 -9.49 -8.80 -16.84
CA LYS A 54 -9.83 -8.21 -18.13
C LYS A 54 -10.48 -9.30 -18.98
N PHE A 55 -11.59 -8.93 -19.63
CA PHE A 55 -12.32 -9.84 -20.49
C PHE A 55 -12.38 -9.27 -21.91
N ILE A 56 -12.24 -10.16 -22.91
CA ILE A 56 -12.40 -9.80 -24.31
C ILE A 56 -13.40 -10.76 -24.95
N CYS A 57 -14.13 -10.27 -25.95
CA CYS A 57 -15.06 -11.09 -26.71
C CYS A 57 -14.36 -11.59 -27.96
N THR A 58 -14.15 -12.91 -28.03
CA THR A 58 -13.41 -13.53 -29.13
C THR A 58 -14.24 -13.68 -30.40
N THR A 59 -15.57 -13.54 -30.27
CA THR A 59 -16.51 -13.76 -31.37
C THR A 59 -16.92 -12.49 -32.10
N GLY A 60 -16.44 -11.33 -31.62
CA GLY A 60 -16.82 -10.04 -32.17
C GLY A 60 -17.57 -9.17 -31.17
N LYS A 61 -18.81 -8.79 -31.52
CA LYS A 61 -19.63 -7.92 -30.69
C LYS A 61 -20.46 -8.75 -29.72
N LEU A 62 -20.47 -8.34 -28.45
CA LEU A 62 -21.19 -9.06 -27.41
C LEU A 62 -22.69 -8.90 -27.66
N PRO A 63 -23.46 -10.01 -27.74
CA PRO A 63 -24.90 -9.91 -27.98
C PRO A 63 -25.67 -9.32 -26.80
N VAL A 64 -25.07 -9.45 -25.62
CA VAL A 64 -25.61 -8.91 -24.38
C VAL A 64 -24.67 -7.83 -23.85
N PRO A 65 -25.15 -6.89 -22.99
CA PRO A 65 -24.26 -5.95 -22.32
C PRO A 65 -23.31 -6.61 -21.32
N TRP A 66 -22.09 -6.08 -21.25
CA TRP A 66 -21.06 -6.59 -20.36
C TRP A 66 -21.45 -6.66 -18.88
N PRO A 67 -22.17 -5.66 -18.32
CA PRO A 67 -22.55 -5.72 -16.91
C PRO A 67 -23.33 -6.98 -16.53
N THR A 68 -24.03 -7.58 -17.49
CA THR A 68 -24.85 -8.77 -17.23
C THR A 68 -23.98 -9.99 -17.01
N LEU A 69 -22.72 -9.94 -17.43
CA LEU A 69 -21.86 -11.14 -17.36
C LEU A 69 -20.90 -11.08 -16.16
N VAL A 70 -20.85 -9.96 -15.46
CA VAL A 70 -19.87 -9.79 -14.35
C VAL A 70 -20.02 -10.96 -13.35
N THR A 71 -21.21 -11.18 -12.80
CA THR A 71 -21.37 -12.21 -11.76
C THR A 71 -20.99 -13.57 -12.29
N THR A 72 -21.16 -13.82 -13.58
CA THR A 72 -20.85 -15.17 -14.08
C THR A 72 -19.37 -15.25 -14.37
N LEU A 73 -18.85 -14.26 -15.10
CA LEU A 73 -17.41 -14.22 -15.44
C LEU A 73 -16.57 -14.16 -14.15
N VAL A 75 -15.50 -17.00 -9.03
CA VAL A 75 -14.07 -16.74 -8.67
C VAL A 75 -14.14 -16.20 -7.22
N GLN A 76 -15.17 -16.63 -6.50
CA GLN A 76 -15.35 -16.21 -5.09
C GLN A 76 -14.43 -17.08 -4.25
N CYS A 77 -13.70 -17.98 -4.90
CA CYS A 77 -12.72 -18.84 -4.20
C CYS A 77 -11.75 -17.91 -3.47
N PHE A 78 -11.68 -16.66 -3.89
CA PHE A 78 -10.82 -15.68 -3.19
C PHE A 78 -11.62 -15.09 -2.07
N ALA A 79 -11.76 -13.77 -2.04
CA ALA A 79 -12.58 -13.11 -1.02
C ALA A 79 -11.86 -13.07 0.33
N ARG A 80 -11.95 -11.93 1.01
CA ARG A 80 -11.26 -11.77 2.30
C ARG A 80 -12.17 -12.28 3.42
N TYR A 81 -11.95 -13.52 3.86
CA TYR A 81 -12.74 -14.08 4.99
C TYR A 81 -12.02 -13.67 6.27
N PRO A 82 -12.69 -12.89 7.14
CA PRO A 82 -12.08 -12.47 8.38
C PRO A 82 -11.71 -13.67 9.22
N ASP A 83 -10.83 -13.46 10.21
CA ASP A 83 -10.44 -14.56 11.13
C ASP A 83 -11.68 -15.00 11.91
N HIS A 84 -12.47 -14.05 12.39
CA HIS A 84 -13.75 -14.37 13.07
C HIS A 84 -14.44 -15.44 12.24
N MET A 85 -14.46 -15.26 10.92
CA MET A 85 -15.06 -16.28 10.02
C MET A 85 -14.22 -17.56 10.10
N LYS A 86 -14.65 -18.51 10.92
CA LYS A 86 -13.90 -19.77 11.14
C LYS A 86 -13.13 -20.20 9.88
N GLN A 87 -13.79 -20.27 8.73
CA GLN A 87 -13.10 -20.78 7.53
C GLN A 87 -12.47 -22.13 7.86
N ASP A 89 -16.12 -21.04 4.25
CA ASP A 89 -15.09 -20.97 3.19
C ASP A 89 -15.05 -22.29 2.43
N PHE A 90 -16.15 -22.65 1.78
CA PHE A 90 -16.17 -23.89 0.96
C PHE A 90 -15.32 -23.63 -0.26
N PHE A 91 -15.37 -22.40 -0.76
CA PHE A 91 -14.65 -22.04 -2.01
C PHE A 91 -13.22 -22.52 -1.98
N LYS A 92 -12.51 -22.27 -0.88
CA LYS A 92 -11.08 -22.65 -0.80
C LYS A 92 -10.95 -24.14 -0.50
N SER A 93 -11.70 -24.64 0.47
CA SER A 93 -11.62 -26.08 0.85
C SER A 93 -11.65 -26.98 -0.38
N ALA A 94 -12.40 -26.59 -1.40
CA ALA A 94 -12.57 -27.49 -2.57
C ALA A 94 -11.53 -27.18 -3.62
N MET A 95 -10.81 -26.08 -3.45
CA MET A 95 -9.89 -25.65 -4.53
C MET A 95 -8.72 -26.63 -4.71
N PRO A 96 -8.21 -27.39 -3.71
CA PRO A 96 -7.21 -28.39 -4.00
C PRO A 96 -7.65 -29.03 -5.29
N GLU A 97 -8.96 -29.29 -5.47
CA GLU A 97 -9.50 -29.81 -6.74
C GLU A 97 -10.38 -28.72 -7.41
N GLY A 98 -11.71 -28.86 -7.37
CA GLY A 98 -12.59 -27.88 -8.05
C GLY A 98 -14.04 -27.89 -7.56
N TYR A 99 -14.76 -26.77 -7.70
CA TYR A 99 -16.21 -26.69 -7.29
C TYR A 99 -17.06 -26.27 -8.48
N VAL A 100 -18.36 -26.58 -8.42
CA VAL A 100 -19.28 -26.25 -9.55
C VAL A 100 -20.21 -25.11 -9.11
N GLN A 101 -20.17 -23.99 -9.83
CA GLN A 101 -21.02 -22.85 -9.54
C GLN A 101 -22.10 -22.77 -10.61
N GLU A 102 -23.31 -23.17 -10.24
CA GLU A 102 -24.46 -23.10 -11.12
C GLU A 102 -25.34 -21.93 -10.69
N ARG A 103 -25.82 -21.15 -11.67
CA ARG A 103 -26.73 -20.06 -11.41
C ARG A 103 -27.87 -20.00 -12.42
N THR A 104 -29.02 -19.52 -11.92
CA THR A 104 -30.10 -19.02 -12.76
C THR A 104 -30.24 -17.54 -12.43
N ILE A 105 -30.27 -16.68 -13.46
CA ILE A 105 -30.42 -15.25 -13.25
C ILE A 105 -31.64 -14.80 -14.03
N PHE A 106 -32.71 -14.43 -13.32
CA PHE A 106 -33.95 -13.98 -13.91
C PHE A 106 -33.94 -12.47 -14.02
N PHE A 107 -34.15 -11.96 -15.24
CA PHE A 107 -34.27 -10.54 -15.48
C PHE A 107 -35.74 -10.12 -15.48
N LYS A 108 -36.05 -9.07 -14.71
CA LYS A 108 -37.43 -8.60 -14.57
C LYS A 108 -37.99 -8.21 -15.94
N ASP A 109 -39.13 -8.82 -16.31
CA ASP A 109 -39.80 -8.57 -17.57
C ASP A 109 -38.95 -8.94 -18.78
N ASP A 110 -38.10 -9.96 -18.64
CA ASP A 110 -37.27 -10.42 -19.74
C ASP A 110 -36.84 -11.88 -19.51
N GLY A 111 -35.90 -12.36 -20.31
CA GLY A 111 -35.44 -13.75 -20.24
C GLY A 111 -34.61 -14.06 -19.00
N ASN A 112 -34.04 -15.27 -18.96
CA ASN A 112 -33.17 -15.68 -17.86
C ASN A 112 -31.88 -16.32 -18.37
N TYR A 113 -30.77 -16.07 -17.65
CA TYR A 113 -29.52 -16.78 -17.85
C TYR A 113 -29.50 -18.04 -17.00
N LYS A 114 -29.08 -19.15 -17.61
CA LYS A 114 -28.73 -20.36 -16.88
C LYS A 114 -27.26 -20.63 -17.12
N THR A 115 -26.53 -20.89 -16.03
CA THR A 115 -25.09 -20.86 -16.02
C THR A 115 -24.51 -22.05 -15.26
N ARG A 116 -23.49 -22.68 -15.85
CA ARG A 116 -22.75 -23.76 -15.21
C ARG A 116 -21.26 -23.45 -15.28
N ALA A 117 -20.61 -23.44 -14.11
CA ALA A 117 -19.20 -23.09 -14.01
C ALA A 117 -18.39 -24.15 -13.27
N GLU A 118 -17.27 -24.56 -13.89
CA GLU A 118 -16.26 -25.38 -13.23
C GLU A 118 -15.09 -24.50 -12.81
N VAL A 119 -14.86 -24.41 -11.50
CA VAL A 119 -13.77 -23.61 -10.95
C VAL A 119 -12.71 -24.56 -10.40
N LYS A 120 -11.63 -24.75 -11.17
CA LYS A 120 -10.59 -25.71 -10.86
C LYS A 120 -9.20 -25.13 -11.14
N PHE A 121 -8.27 -25.39 -10.22
CA PHE A 121 -6.86 -25.08 -10.42
C PHE A 121 -6.31 -25.90 -11.59
N GLU A 122 -5.90 -25.22 -12.65
CA GLU A 122 -5.24 -25.85 -13.78
C GLU A 122 -3.80 -25.35 -13.79
N GLY A 123 -2.91 -26.16 -13.21
CA GLY A 123 -1.56 -25.73 -12.87
C GLY A 123 -1.56 -24.88 -11.60
N ASP A 124 -0.94 -23.70 -11.68
CA ASP A 124 -0.98 -22.70 -10.63
C ASP A 124 -2.04 -21.64 -10.91
N THR A 125 -2.59 -21.66 -12.12
CA THR A 125 -3.59 -20.69 -12.56
C THR A 125 -5.00 -21.19 -12.26
N LEU A 126 -5.78 -20.36 -11.55
CA LEU A 126 -7.17 -20.69 -11.25
C LEU A 126 -8.03 -20.39 -12.48
N VAL A 127 -8.68 -21.44 -13.00
CA VAL A 127 -9.41 -21.36 -14.26
C VAL A 127 -10.91 -21.54 -14.04
N ASN A 128 -11.67 -20.47 -14.38
CA ASN A 128 -13.12 -20.51 -14.36
C ASN A 128 -13.67 -20.81 -15.76
N ARG A 129 -14.30 -21.98 -15.92
CA ARG A 129 -14.77 -22.43 -17.23
C ARG A 129 -16.29 -22.48 -17.26
N ILE A 130 -16.90 -21.61 -18.09
CA ILE A 130 -18.32 -21.34 -18.05
C ILE A 130 -19.07 -21.82 -19.30
N GLU A 131 -20.21 -22.47 -19.09
CA GLU A 131 -21.22 -22.59 -20.12
C GLU A 131 -22.40 -21.70 -19.75
N LEU A 132 -22.92 -20.94 -20.72
CA LEU A 132 -24.02 -20.02 -20.47
C LEU A 132 -25.09 -20.15 -21.56
N LYS A 133 -26.33 -20.40 -21.11
CA LYS A 133 -27.50 -20.43 -21.97
C LYS A 133 -28.49 -19.35 -21.52
N GLY A 134 -28.97 -18.56 -22.48
CA GLY A 134 -30.00 -17.56 -22.22
C GLY A 134 -31.20 -17.70 -23.15
N ILE A 135 -32.39 -17.86 -22.56
CA ILE A 135 -33.63 -17.97 -23.31
C ILE A 135 -34.65 -16.91 -22.88
N ASP A 136 -35.68 -16.73 -23.71
CA ASP A 136 -36.85 -15.92 -23.41
C ASP A 136 -36.53 -14.44 -23.33
N PHE A 137 -35.47 -14.00 -24.02
CA PHE A 137 -35.08 -12.60 -24.01
C PHE A 137 -35.79 -11.86 -25.13
N LYS A 138 -36.12 -10.59 -24.88
CA LYS A 138 -36.83 -9.75 -25.83
C LYS A 138 -35.85 -8.94 -26.67
N GLU A 139 -35.75 -9.27 -27.96
CA GLU A 139 -35.01 -8.45 -28.90
C GLU A 139 -35.59 -7.04 -28.87
N ASP A 140 -34.71 -6.03 -28.82
CA ASP A 140 -35.12 -4.64 -28.65
C ASP A 140 -35.54 -4.35 -27.22
N GLY A 141 -35.50 -5.36 -26.35
CA GLY A 141 -35.61 -5.17 -24.92
C GLY A 141 -34.33 -4.53 -24.36
N ASN A 142 -34.17 -4.57 -23.04
CA ASN A 142 -33.06 -3.92 -22.37
C ASN A 142 -31.74 -4.59 -22.73
N ILE A 143 -31.72 -5.93 -22.62
CA ILE A 143 -30.49 -6.69 -22.72
C ILE A 143 -30.05 -6.85 -24.18
N LEU A 144 -30.90 -7.52 -24.99
CA LEU A 144 -30.59 -7.75 -26.39
C LEU A 144 -30.58 -6.44 -27.19
N GLY A 145 -31.42 -5.49 -26.77
CA GLY A 145 -31.46 -4.17 -27.38
C GLY A 145 -30.42 -3.18 -26.86
N HIS A 146 -29.55 -3.64 -25.94
CA HIS A 146 -28.41 -2.86 -25.48
C HIS A 146 -28.86 -1.48 -25.01
N LYS A 147 -29.51 -1.44 -23.84
CA LYS A 147 -30.03 -0.21 -23.28
C LYS A 147 -29.52 0.02 -21.85
N LEU A 148 -28.54 -0.77 -21.44
CA LEU A 148 -27.99 -0.71 -20.09
C LEU A 148 -26.72 0.13 -20.07
N GLU A 149 -26.45 0.77 -18.93
CA GLU A 149 -25.22 1.51 -18.73
C GLU A 149 -24.08 0.55 -18.40
N TYR A 150 -22.85 1.02 -18.62
CA TYR A 150 -21.65 0.22 -18.40
C TYR A 150 -20.89 0.66 -17.15
N ASN A 151 -20.50 1.94 -17.11
CA ASN A 151 -19.65 2.47 -16.06
C ASN A 151 -20.46 3.15 -14.96
N SER A 152 -19.75 3.69 -13.96
CA SER A 152 -20.36 4.39 -12.84
C SER A 152 -20.84 5.79 -13.20
N SER A 153 -21.74 5.88 -14.18
CA SER A 153 -22.17 7.15 -14.74
C SER A 153 -20.98 7.98 -15.23
N PHE A 161 -11.39 12.56 -18.81
CA PHE A 161 -10.86 13.47 -17.79
C PHE A 161 -10.47 12.68 -16.54
N THR A 162 -10.30 13.39 -15.42
CA THR A 162 -10.03 12.80 -14.11
C THR A 162 -8.69 12.06 -14.09
N GLU A 163 -8.65 10.83 -14.63
CA GLU A 163 -7.44 10.04 -14.66
C GLU A 163 -6.36 10.68 -15.54
N SER A 164 -6.79 11.47 -16.54
CA SER A 164 -5.88 12.18 -17.42
C SER A 164 -5.59 13.59 -16.92
N VAL A 165 -6.54 14.51 -17.16
CA VAL A 165 -6.32 15.93 -16.95
C VAL A 165 -5.99 16.27 -15.50
N LEU A 166 -6.70 15.64 -14.56
CA LEU A 166 -6.54 15.92 -13.14
C LEU A 166 -5.42 15.08 -12.53
N GLN A 167 -5.55 13.75 -12.62
CA GLN A 167 -4.65 12.84 -11.93
C GLN A 167 -3.19 13.00 -12.35
N SER A 168 -2.95 13.04 -13.67
CA SER A 168 -1.59 13.19 -14.20
C SER A 168 -0.98 14.52 -13.79
N GLN A 169 -1.71 15.62 -14.02
CA GLN A 169 -1.23 16.95 -13.69
C GLN A 169 -1.15 17.16 -12.17
N ALA A 170 -2.02 16.48 -11.41
CA ALA A 170 -1.99 16.53 -9.96
C ALA A 170 -0.71 15.91 -9.43
N THR A 171 -0.40 14.70 -9.93
CA THR A 171 0.84 14.01 -9.61
C THR A 171 2.05 14.78 -10.15
N GLU A 172 1.89 15.39 -11.34
CA GLU A 172 2.95 16.19 -11.92
C GLU A 172 3.36 17.32 -10.99
N LEU A 173 2.37 18.05 -10.46
CA LEU A 173 2.62 19.12 -9.51
C LEU A 173 3.20 18.57 -8.20
N LEU A 174 2.72 17.39 -7.79
CA LEU A 174 3.19 16.74 -6.58
C LEU A 174 4.71 16.62 -6.54
N GLN A 175 5.31 16.26 -7.68
CA GLN A 175 6.74 16.03 -7.76
C GLN A 175 7.57 17.31 -7.69
N LYS A 176 7.14 18.36 -8.39
CA LYS A 176 7.78 19.66 -8.31
C LYS A 176 7.80 20.16 -6.88
N LYS A 177 6.67 19.99 -6.18
CA LYS A 177 6.55 20.36 -4.77
C LYS A 177 7.43 19.46 -3.89
N ALA A 178 7.44 18.16 -4.21
CA ALA A 178 8.25 17.20 -3.49
C ALA A 178 9.75 17.42 -3.71
N GLN A 179 10.10 17.94 -4.90
CA GLN A 179 11.47 18.35 -5.19
C GLN A 179 11.81 19.62 -4.42
N LEU A 180 10.88 20.58 -4.40
CA LEU A 180 11.08 21.87 -3.74
C LEU A 180 11.43 21.70 -2.27
N VAL A 181 10.64 20.88 -1.56
CA VAL A 181 10.88 20.61 -0.15
C VAL A 181 12.22 19.91 0.01
N SER A 182 12.43 18.84 -0.78
CA SER A 182 13.67 18.10 -0.81
C SER A 182 14.92 18.99 -0.74
N PHE A 183 14.97 20.00 -1.61
CA PHE A 183 16.07 20.95 -1.61
C PHE A 183 16.24 21.55 -0.20
N LYS A 184 15.15 22.09 0.33
CA LYS A 184 15.16 22.72 1.64
C LYS A 184 15.74 21.80 2.71
N ILE A 185 15.27 20.54 2.74
CA ILE A 185 15.65 19.60 3.78
C ILE A 185 17.14 19.27 3.67
N GLN A 186 17.65 19.25 2.43
CA GLN A 186 19.07 19.06 2.18
C GLN A 186 19.86 20.31 2.60
N GLY A 187 19.21 21.47 2.52
CA GLY A 187 19.76 22.72 3.01
C GLY A 187 20.01 22.71 4.52
N ILE A 188 18.99 22.33 5.30
CA ILE A 188 19.13 22.28 6.75
C ILE A 188 20.29 21.36 7.10
N MET A 189 20.28 20.15 6.56
CA MET A 189 21.28 19.14 6.88
C MET A 189 22.68 19.58 6.45
N LYS A 190 22.76 20.33 5.33
CA LYS A 190 24.02 20.88 4.87
C LYS A 190 24.62 21.81 5.92
N ARG A 191 23.79 22.66 6.52
CA ARG A 191 24.22 23.57 7.57
C ARG A 191 24.69 22.82 8.82
N ILE A 192 24.00 21.73 9.17
CA ILE A 192 24.29 20.96 10.37
C ILE A 192 25.63 20.23 10.23
N PHE A 193 25.80 19.48 9.14
CA PHE A 193 27.05 18.78 8.88
C PHE A 193 28.23 19.74 8.76
N MET A 194 27.95 20.95 8.27
CA MET A 194 28.96 21.98 8.12
C MET A 194 29.44 22.43 9.50
N GLY A 195 28.50 22.60 10.43
CA GLY A 195 28.82 22.92 11.82
C GLY A 195 29.59 21.79 12.50
N ALA A 196 29.20 20.55 12.18
CA ALA A 196 29.83 19.35 12.71
C ALA A 196 31.28 19.20 12.24
N ASN A 197 31.57 19.75 11.06
CA ASN A 197 32.93 19.82 10.55
C ASN A 197 33.83 20.67 11.46
N THR A 198 33.32 21.86 11.83
CA THR A 198 34.11 22.80 12.61
C THR A 198 34.36 22.27 14.01
N LEU A 199 33.33 21.69 14.64
CA LEU A 199 33.45 21.07 15.94
C LEU A 199 34.44 19.92 15.99
N GLU A 200 34.42 19.08 14.95
CA GLU A 200 35.35 17.96 14.83
C GLU A 200 36.78 18.48 14.93
N LYS A 201 37.09 19.50 14.13
CA LYS A 201 38.42 20.11 14.12
C LYS A 201 38.80 20.57 15.52
N PHE A 202 37.93 21.39 16.12
CA PHE A 202 38.14 21.92 17.46
C PHE A 202 38.32 20.79 18.47
N LEU A 203 37.36 19.86 18.51
CA LEU A 203 37.31 18.82 19.51
C LEU A 203 38.43 17.79 19.37
N SER A 204 38.88 17.54 18.14
CA SER A 204 39.95 16.59 17.87
C SER A 204 41.32 17.13 18.29
N ASP A 205 41.35 18.37 18.78
CA ASP A 205 42.56 18.97 19.33
C ASP A 205 42.77 18.53 20.77
N GLU A 206 43.79 17.68 20.98
CA GLU A 206 44.07 17.09 22.29
C GLU A 206 44.94 17.96 23.19
N ASN A 207 44.89 19.29 23.03
CA ASN A 207 45.74 20.18 23.78
C ASN A 207 45.24 20.34 25.22
N SER A 208 46.12 20.04 26.18
CA SER A 208 45.82 20.11 27.60
C SER A 208 45.12 21.38 28.07
N ALA A 209 45.53 22.53 27.53
CA ALA A 209 45.06 23.82 28.01
C ALA A 209 43.65 24.17 27.52
N ILE A 210 43.13 23.41 26.56
CA ILE A 210 41.75 23.57 26.12
C ILE A 210 40.84 22.94 27.18
N ASN A 211 40.34 23.78 28.10
CA ASN A 211 39.47 23.33 29.17
C ASN A 211 38.10 22.88 28.65
N ASP A 212 37.35 22.21 29.53
CA ASP A 212 36.01 21.74 29.20
C ASP A 212 35.00 22.87 29.10
N THR A 213 35.16 23.92 29.93
CA THR A 213 34.25 25.05 29.88
C THR A 213 34.24 25.69 28.49
N LEU A 214 35.37 25.60 27.77
CA LEU A 214 35.47 26.13 26.42
C LEU A 214 34.95 25.16 25.38
N LYS A 215 35.06 23.85 25.67
CA LYS A 215 34.43 22.83 24.84
C LYS A 215 32.91 22.97 24.90
N ARG A 216 32.39 23.25 26.11
CA ARG A 216 30.96 23.43 26.29
C ARG A 216 30.42 24.60 25.46
N ARG A 217 31.23 25.65 25.32
CA ARG A 217 30.82 26.82 24.55
C ARG A 217 30.69 26.46 23.06
N MET A 218 31.69 25.74 22.54
CA MET A 218 31.70 25.32 21.15
C MET A 218 30.54 24.36 20.87
N LEU A 219 30.24 23.49 21.85
CA LEU A 219 29.08 22.60 21.75
C LEU A 219 27.80 23.42 21.71
N SER A 220 27.73 24.45 22.58
CA SER A 220 26.55 25.28 22.65
C SER A 220 26.28 26.04 21.35
N GLU A 221 27.33 26.54 20.69
CA GLU A 221 27.17 27.32 19.48
C GLU A 221 26.62 26.46 18.34
N PHE A 222 27.17 25.26 18.18
CA PHE A 222 26.68 24.30 17.20
C PHE A 222 25.16 24.14 17.32
N LEU A 223 24.69 23.90 18.56
CA LEU A 223 23.27 23.83 18.85
C LEU A 223 22.58 25.14 18.50
N LEU A 224 23.10 26.27 19.00
CA LEU A 224 22.45 27.56 18.76
C LEU A 224 22.26 27.85 17.28
N ALA A 225 23.21 27.40 16.44
CA ALA A 225 23.12 27.62 15.01
C ALA A 225 22.23 26.60 14.31
N ASN A 226 21.84 25.53 15.03
CA ASN A 226 21.08 24.44 14.46
C ASN A 226 20.05 23.88 15.43
N PRO A 227 18.82 24.47 15.47
CA PRO A 227 17.80 24.05 16.43
C PRO A 227 17.15 22.71 16.10
N HIS A 228 17.42 22.18 14.91
CA HIS A 228 17.03 20.81 14.58
C HIS A 228 17.90 19.77 15.29
N VAL A 229 18.98 20.21 15.95
CA VAL A 229 19.78 19.32 16.77
C VAL A 229 19.39 19.48 18.24
N LEU A 230 18.87 18.40 18.84
CA LEU A 230 18.48 18.39 20.24
C LEU A 230 19.68 18.40 21.19
N LEU A 231 20.72 17.65 20.81
CA LEU A 231 21.77 17.28 21.75
C LEU A 231 23.07 17.04 21.00
N VAL A 232 24.19 17.30 21.69
CA VAL A 232 25.52 17.07 21.14
C VAL A 232 26.42 16.60 22.26
N SER A 233 27.44 15.80 21.91
CA SER A 233 28.36 15.24 22.88
C SER A 233 29.77 15.10 22.34
N ALA A 234 30.75 15.53 23.14
CA ALA A 234 32.15 15.24 22.88
C ALA A 234 32.47 14.02 23.74
N ILE A 235 32.82 12.91 23.09
CA ILE A 235 33.18 11.70 23.81
C ILE A 235 34.68 11.51 23.64
N TYR A 236 35.36 11.25 24.77
CA TYR A 236 36.80 11.02 24.78
C TYR A 236 37.09 9.62 25.32
N THR A 237 37.89 8.87 24.56
CA THR A 237 38.27 7.51 24.92
C THR A 237 39.78 7.35 25.04
N ASN A 238 40.50 8.48 24.90
CA ASN A 238 41.95 8.46 24.85
C ASN A 238 42.55 8.09 26.21
N ASN A 239 42.68 9.07 27.10
CA ASN A 239 43.22 8.86 28.43
C ASN A 239 42.30 9.44 29.50
N ASN A 240 41.77 10.65 29.23
CA ASN A 240 40.80 11.29 30.11
C ASN A 240 39.38 10.88 29.74
N GLU A 241 39.05 9.60 29.98
CA GLU A 241 37.78 9.03 29.56
C GLU A 241 36.59 9.83 30.10
N ARG A 242 36.00 10.66 29.24
CA ARG A 242 34.87 11.51 29.64
C ARG A 242 33.96 11.83 28.45
N VAL A 243 32.76 12.33 28.77
CA VAL A 243 31.79 12.79 27.79
C VAL A 243 31.28 14.17 28.19
N ILE A 244 31.37 15.12 27.25
CA ILE A 244 30.86 16.46 27.45
C ILE A 244 29.61 16.66 26.58
N THR A 245 28.44 16.73 27.23
CA THR A 245 27.17 16.88 26.52
C THR A 245 26.55 18.26 26.74
N ALA A 246 26.07 18.87 25.65
CA ALA A 246 25.16 20.00 25.72
C ALA A 246 23.81 19.64 25.09
N MET A 247 22.72 19.96 25.80
CA MET A 247 21.38 19.66 25.34
C MET A 247 20.57 20.96 25.26
N SER A 248 19.83 21.10 24.14
CA SER A 248 19.06 22.30 23.87
C SER A 248 17.57 22.09 24.20
N MET A 249 17.09 22.82 25.22
CA MET A 249 15.74 22.65 25.72
C MET A 249 14.86 23.73 25.10
N ASP A 250 14.40 24.70 25.90
CA ASP A 250 13.49 25.73 25.40
C ASP A 250 14.17 27.09 25.56
N SER A 251 14.98 27.45 24.55
CA SER A 251 15.87 28.60 24.61
C SER A 251 16.98 28.41 25.64
N LYS A 252 17.06 27.22 26.23
CA LYS A 252 18.02 26.93 27.28
C LYS A 252 18.99 25.83 26.84
N ILE A 253 20.28 26.06 27.05
CA ILE A 253 21.29 25.04 26.88
C ILE A 253 21.69 24.56 28.28
N ALA A 254 21.73 23.24 28.44
CA ALA A 254 22.16 22.61 29.68
C ALA A 254 23.23 21.57 29.39
N TYR A 255 24.00 21.21 30.42
CA TYR A 255 25.13 20.31 30.29
C TYR A 255 24.98 19.09 31.20
N PRO A 256 24.20 18.07 30.78
CA PRO A 256 24.02 16.85 31.57
C PRO A 256 25.31 16.05 31.75
N ASN A 257 25.45 15.41 32.91
CA ASN A 257 26.64 14.64 33.24
C ASN A 257 26.44 13.19 32.82
N THR A 258 26.68 12.92 31.53
CA THR A 258 26.55 11.58 30.97
C THR A 258 27.70 10.70 31.47
N THR A 259 27.41 9.41 31.65
CA THR A 259 28.40 8.45 32.11
C THR A 259 28.77 7.51 30.96
N LEU A 260 30.02 7.04 30.96
CA LEU A 260 30.54 6.22 29.88
C LEU A 260 30.17 4.75 30.07
N ASN A 261 29.79 4.09 28.97
CA ASN A 261 29.49 2.67 28.97
C ASN A 261 30.67 1.91 28.36
N GLU A 262 30.99 0.75 28.96
CA GLU A 262 32.08 -0.09 28.51
C GLU A 262 31.87 -0.60 27.08
N ASN A 263 30.60 -0.71 26.67
CA ASN A 263 30.23 -1.08 25.32
C ASN A 263 30.32 0.12 24.36
N MET A 264 29.83 1.28 24.81
CA MET A 264 29.88 2.51 24.02
C MET A 264 31.34 2.90 23.83
N THR A 265 32.12 2.83 24.92
CA THR A 265 33.58 2.89 24.84
C THR A 265 34.08 1.60 24.22
N ASN A 266 35.21 1.67 23.51
CA ASN A 266 35.72 0.58 22.68
C ASN A 266 35.02 0.55 21.33
N GLN A 267 33.69 0.72 21.32
CA GLN A 267 32.96 0.93 20.08
C GLN A 267 33.36 2.27 19.45
N ILE A 268 33.51 3.30 20.30
CA ILE A 268 33.98 4.60 19.85
C ILE A 268 35.45 4.49 19.44
N ARG A 269 36.24 3.78 20.24
CA ARG A 269 37.62 3.46 19.89
C ARG A 269 37.74 2.75 18.53
N SER A 270 36.71 1.99 18.16
CA SER A 270 36.71 1.25 16.91
C SER A 270 36.19 2.05 15.71
N LEU A 271 35.41 3.12 15.97
CA LEU A 271 34.77 3.88 14.91
C LEU A 271 35.82 4.52 14.01
N LYS A 272 35.59 4.45 12.69
CA LYS A 272 36.54 4.95 11.71
C LYS A 272 35.95 5.99 10.76
N SER A 273 34.68 5.81 10.39
CA SER A 273 34.00 6.77 9.52
C SER A 273 32.72 7.30 10.15
N ILE A 274 32.20 8.39 9.60
CA ILE A 274 30.92 8.92 10.02
C ILE A 274 29.85 7.86 9.85
N THR A 275 28.93 7.79 10.82
CA THR A 275 27.81 6.88 10.75
C THR A 275 26.55 7.52 11.31
N HIS A 276 25.43 6.80 11.20
CA HIS A 276 24.20 7.19 11.84
C HIS A 276 23.53 5.94 12.41
N SER A 277 22.56 6.16 13.32
CA SER A 277 21.80 5.07 13.89
C SER A 277 20.46 4.98 13.15
N ASP A 278 19.73 3.89 13.40
CA ASP A 278 18.35 3.81 12.97
C ASP A 278 17.54 4.82 13.77
N PRO A 279 16.51 5.46 13.18
CA PRO A 279 15.66 6.36 13.95
C PRO A 279 15.09 5.70 15.18
N TYR A 280 14.99 6.44 16.28
CA TYR A 280 14.28 5.98 17.46
C TYR A 280 13.70 7.17 18.22
N TYR A 281 12.81 6.87 19.17
CA TYR A 281 12.28 7.85 20.10
C TYR A 281 13.23 8.00 21.29
N LYS A 282 13.78 9.22 21.47
CA LYS A 282 14.60 9.50 22.63
C LYS A 282 13.69 9.86 23.80
N GLU A 283 13.84 9.10 24.89
CA GLU A 283 13.09 9.32 26.12
C GLU A 283 13.86 10.30 26.99
N VAL A 284 13.67 11.59 26.71
CA VAL A 284 14.37 12.65 27.40
C VAL A 284 13.35 13.66 27.92
N ASN A 285 13.69 14.33 29.03
CA ASN A 285 12.87 15.37 29.64
C ASN A 285 11.39 15.04 29.74
N GLY A 286 11.07 13.74 29.94
CA GLY A 286 9.70 13.27 29.99
C GLY A 286 8.96 13.38 28.66
N ASP A 287 9.72 13.31 27.55
CA ASP A 287 9.17 13.43 26.21
C ASP A 287 9.70 12.33 25.30
N LYS A 288 8.90 12.01 24.26
CA LYS A 288 9.30 11.12 23.19
C LYS A 288 9.67 11.93 21.95
N ILE A 289 10.97 12.14 21.73
CA ILE A 289 11.44 12.85 20.56
C ILE A 289 12.03 11.83 19.57
N TYR A 290 11.47 11.83 18.35
CA TYR A 290 11.91 10.94 17.29
C TYR A 290 13.15 11.51 16.61
N GLY A 291 14.18 10.67 16.46
CA GLY A 291 15.39 11.07 15.76
C GLY A 291 16.43 9.97 15.61
N MET A 292 17.63 10.35 15.15
CA MET A 292 18.75 9.44 15.06
C MET A 292 20.03 10.13 15.58
N ASP A 293 20.99 9.30 15.99
CA ASP A 293 22.31 9.78 16.35
C ASP A 293 23.21 9.79 15.13
N ILE A 294 24.00 10.86 15.00
CA ILE A 294 25.03 10.99 13.98
C ILE A 294 26.37 11.01 14.69
N THR A 295 27.22 10.00 14.43
CA THR A 295 28.50 9.90 15.11
C THR A 295 29.63 10.13 14.11
N LEU A 296 30.48 11.09 14.42
CA LEU A 296 31.68 11.40 13.65
C LEU A 296 32.87 11.00 14.52
N PRO A 297 33.87 10.27 13.99
CA PRO A 297 35.08 9.99 14.73
C PRO A 297 35.98 11.22 14.79
N LEU A 298 36.62 11.42 15.94
CA LEU A 298 37.62 12.48 16.11
C LEU A 298 39.00 11.89 15.87
N MET A 299 39.55 12.14 14.67
CA MET A 299 40.81 11.57 14.23
C MET A 299 40.64 10.05 14.08
N GLY A 300 41.59 9.41 13.38
CA GLY A 300 41.53 7.97 13.19
C GLY A 300 42.83 7.38 12.64
N LYS A 301 43.91 7.45 13.43
CA LYS A 301 45.18 6.85 13.09
C LYS A 301 45.54 5.80 14.15
N ASN A 302 44.91 4.62 14.05
CA ASN A 302 45.14 3.52 14.97
C ASN A 302 44.91 3.91 16.43
N ALA A 305 42.08 7.96 17.03
CA ALA A 305 40.77 7.75 17.64
C ALA A 305 40.76 8.29 19.07
N ILE A 306 40.63 9.62 19.19
CA ILE A 306 40.61 10.29 20.49
C ILE A 306 39.24 10.11 21.11
N GLY A 307 38.23 9.94 20.24
CA GLY A 307 36.83 9.81 20.64
C GLY A 307 35.92 10.13 19.46
N ALA A 308 34.73 10.67 19.77
CA ALA A 308 33.73 10.96 18.75
C ALA A 308 32.87 12.16 19.11
N LEU A 309 32.54 12.96 18.09
CA LEU A 309 31.45 13.91 18.15
C LEU A 309 30.16 13.21 17.71
N ASN A 310 29.22 13.09 18.67
CA ASN A 310 27.89 12.56 18.42
C ASN A 310 26.84 13.62 18.72
N PHE A 311 25.86 13.77 17.81
CA PHE A 311 24.69 14.59 18.09
C PHE A 311 23.41 13.83 17.76
N PHE A 312 22.34 14.17 18.49
CA PHE A 312 21.04 13.58 18.27
C PHE A 312 20.20 14.50 17.38
N LEU A 313 19.99 14.06 16.13
CA LEU A 313 19.19 14.80 15.17
C LEU A 313 17.72 14.61 15.52
N ASN A 314 17.05 15.72 15.84
CA ASN A 314 15.62 15.74 16.16
C ASN A 314 14.84 15.75 14.85
N ILE A 315 14.28 14.59 14.48
CA ILE A 315 13.53 14.45 13.25
C ILE A 315 12.16 15.14 13.39
N ASP A 316 11.59 15.08 14.59
CA ASP A 316 10.33 15.76 14.87
C ASP A 316 10.40 17.25 14.51
N ALA A 317 11.60 17.84 14.61
CA ALA A 317 11.78 19.25 14.31
C ALA A 317 11.68 19.60 12.82
N PHE A 318 11.69 18.58 11.95
CA PHE A 318 11.52 18.81 10.52
C PHE A 318 10.06 18.80 10.08
N TYR A 319 9.15 18.63 11.05
CA TYR A 319 7.73 18.50 10.76
C TYR A 319 7.24 19.63 9.87
N THR A 320 7.45 20.88 10.31
CA THR A 320 6.94 22.03 9.59
C THR A 320 7.70 22.21 8.27
N ASP A 321 8.96 21.76 8.25
CA ASP A 321 9.76 21.77 7.04
C ASP A 321 9.22 20.82 5.96
N VAL A 322 8.63 19.70 6.39
CA VAL A 322 8.17 18.66 5.47
C VAL A 322 6.67 18.78 5.17
N VAL A 323 5.84 18.67 6.21
CA VAL A 323 4.40 18.77 6.07
C VAL A 323 3.98 20.18 5.64
N GLY A 324 4.59 21.20 6.27
CA GLY A 324 4.21 22.59 6.06
C GLY A 324 3.60 23.20 7.32
N LYS A 325 3.30 24.50 7.25
CA LYS A 325 2.70 25.21 8.37
C LYS A 325 1.24 24.84 8.53
N LYS A 326 0.62 24.37 7.43
CA LYS A 326 -0.71 23.77 7.45
C LYS A 326 -0.60 22.27 7.20
N LYS A 327 -1.59 21.52 7.69
CA LYS A 327 -1.65 20.09 7.48
C LYS A 327 -1.78 19.79 5.99
N SER A 328 -0.88 18.96 5.47
CA SER A 328 -0.87 18.59 4.06
C SER A 328 -0.52 17.12 3.90
N ASN A 329 -0.72 16.61 2.69
CA ASN A 329 -0.47 15.18 2.39
C ASN A 329 1.00 15.00 2.00
N THR A 330 1.91 15.11 2.97
CA THR A 330 3.34 14.98 2.70
C THR A 330 3.94 14.16 3.80
N PHE A 331 4.92 13.32 3.47
CA PHE A 331 5.61 12.54 4.54
C PHE A 331 7.09 12.47 4.28
N LEU A 332 7.86 12.16 5.32
CA LEU A 332 9.31 11.95 5.14
C LEU A 332 9.55 10.44 5.28
N MET A 333 10.29 9.86 4.36
CA MET A 333 10.47 8.42 4.36
C MET A 333 11.95 8.08 4.54
N GLY A 334 12.22 7.09 5.41
CA GLY A 334 13.57 6.60 5.64
C GLY A 334 13.77 5.21 5.02
N LYS A 335 14.76 4.49 5.55
CA LYS A 335 15.15 3.19 5.01
C LYS A 335 14.02 2.19 5.20
N ASP A 336 13.90 1.25 4.25
CA ASP A 336 12.85 0.25 4.22
C ASP A 336 11.45 0.87 4.23
N GLY A 337 11.35 2.09 3.70
CA GLY A 337 10.10 2.84 3.71
C GLY A 337 9.51 3.09 5.10
N ARG A 338 10.38 3.37 6.08
CA ARG A 338 9.94 3.76 7.40
C ARG A 338 9.34 5.16 7.30
N LEU A 339 8.24 5.41 8.02
CA LEU A 339 7.63 6.73 8.07
C LEU A 339 8.28 7.55 9.18
N LEU A 340 9.17 8.46 8.78
CA LEU A 340 9.93 9.29 9.70
C LEU A 340 9.08 10.48 10.14
N ILE A 341 8.50 11.19 9.16
CA ILE A 341 7.55 12.25 9.43
C ILE A 341 6.27 11.98 8.63
N ASN A 342 5.12 12.18 9.30
CA ASN A 342 3.81 11.96 8.70
C ASN A 342 2.74 12.74 9.45
N PRO A 343 1.81 13.44 8.77
CA PRO A 343 0.74 14.16 9.46
C PRO A 343 0.04 13.35 10.54
N ASN A 344 -0.21 12.07 10.26
CA ASN A 344 -0.71 11.13 11.26
C ASN A 344 0.46 10.65 12.12
N ARG A 345 0.54 11.18 13.35
CA ARG A 345 1.62 10.87 14.28
C ARG A 345 1.58 9.41 14.76
N GLU A 346 0.37 8.85 14.86
CA GLU A 346 0.19 7.49 15.35
C GLU A 346 0.78 6.42 14.44
N ILE A 347 1.17 6.81 13.22
CA ILE A 347 1.79 5.89 12.26
C ILE A 347 3.30 6.08 12.11
N GLN A 348 3.85 7.13 12.75
CA GLN A 348 5.29 7.37 12.72
C GLN A 348 6.06 6.14 13.18
N ASP A 349 7.22 5.91 12.56
CA ASP A 349 8.07 4.77 12.85
C ASP A 349 7.42 3.43 12.49
N LYS A 350 6.62 3.44 11.42
CA LYS A 350 6.01 2.22 10.89
C LYS A 350 6.36 2.13 9.41
N ILE A 351 6.49 0.89 8.91
CA ILE A 351 6.84 0.66 7.51
C ILE A 351 5.60 0.85 6.64
N LEU A 352 5.77 1.55 5.52
CA LEU A 352 4.67 1.93 4.65
C LEU A 352 4.00 0.70 4.04
N SER A 353 4.81 -0.26 3.59
CA SER A 353 4.33 -1.52 3.04
C SER A 353 3.54 -2.32 4.08
N ALA A 354 3.96 -2.23 5.35
CA ALA A 354 3.33 -2.95 6.44
C ALA A 354 1.89 -2.50 6.68
N ILE A 355 1.68 -1.18 6.68
CA ILE A 355 0.40 -0.60 7.03
C ILE A 355 -0.60 -0.62 5.86
N ASN A 356 -0.10 -0.47 4.62
CA ASN A 356 -0.95 -0.51 3.44
C ASN A 356 -0.96 -1.87 2.77
N PRO A 357 -2.14 -2.45 2.45
CA PRO A 357 -2.19 -3.80 1.88
C PRO A 357 -1.71 -3.89 0.44
N ASP A 358 -2.21 -2.99 -0.42
CA ASP A 358 -1.94 -3.03 -1.84
C ASP A 358 -0.43 -3.11 -2.08
N ARG A 359 0.01 -4.22 -2.68
CA ARG A 359 1.42 -4.51 -2.87
C ARG A 359 2.13 -3.58 -3.84
N ARG A 360 1.37 -2.66 -4.46
CA ARG A 360 1.94 -1.66 -5.33
C ARG A 360 2.69 -0.57 -4.55
N VAL A 361 2.47 -0.53 -3.23
CA VAL A 361 3.14 0.41 -2.34
C VAL A 361 4.63 0.10 -2.15
N ALA A 362 5.03 -1.14 -2.48
CA ALA A 362 6.43 -1.54 -2.47
C ALA A 362 7.26 -0.81 -3.51
N LYS A 363 6.61 -0.24 -4.53
CA LYS A 363 7.27 0.53 -5.57
C LYS A 363 7.90 1.82 -5.02
N ALA A 364 7.42 2.28 -3.86
CA ALA A 364 7.96 3.45 -3.19
C ALA A 364 9.37 3.22 -2.67
N VAL A 365 9.59 2.06 -2.05
CA VAL A 365 10.87 1.73 -1.44
C VAL A 365 11.90 1.45 -2.53
N GLU A 366 11.42 1.08 -3.72
CA GLU A 366 12.28 0.85 -4.88
C GLU A 366 12.77 2.16 -5.50
N TYR A 367 11.84 3.12 -5.68
CA TYR A 367 12.20 4.48 -6.05
C TYR A 367 13.25 5.03 -5.08
N TYR A 368 12.97 4.85 -3.78
CA TYR A 368 13.87 5.25 -2.71
C TYR A 368 15.28 4.71 -2.95
N ASN A 369 15.40 3.38 -3.00
CA ASN A 369 16.69 2.71 -3.18
C ASN A 369 17.38 3.06 -4.49
N GLN A 370 16.60 3.24 -5.56
CA GLN A 370 17.13 3.66 -6.86
C GLN A 370 17.57 5.12 -6.86
N ASN A 371 17.03 5.91 -5.93
CA ASN A 371 17.25 7.35 -5.87
C ASN A 371 16.59 8.04 -7.06
N GLU A 372 15.56 7.39 -7.62
CA GLU A 372 14.88 7.88 -8.81
C GLU A 372 13.47 8.32 -8.41
N ALA A 373 13.13 9.59 -8.67
CA ALA A 373 11.79 10.10 -8.40
C ALA A 373 10.78 9.46 -9.35
N GLY A 374 9.62 9.09 -8.79
CA GLY A 374 8.57 8.46 -9.56
C GLY A 374 7.23 8.47 -8.80
N THR A 375 6.17 8.11 -9.53
CA THR A 375 4.83 8.08 -8.97
C THR A 375 4.39 6.63 -8.80
N LEU A 376 3.37 6.42 -7.95
CA LEU A 376 2.80 5.07 -7.72
C LEU A 376 1.34 5.25 -7.29
N SER A 377 0.47 4.28 -7.58
CA SER A 377 -0.94 4.35 -7.13
C SER A 377 -1.26 3.13 -6.27
N TYR A 378 -2.07 3.32 -5.23
CA TYR A 378 -2.42 2.20 -4.32
C TYR A 378 -3.84 2.37 -3.81
N HIS A 379 -4.47 1.24 -3.48
CA HIS A 379 -5.89 1.28 -3.04
C HIS A 379 -5.98 1.25 -1.51
N SER A 380 -7.09 1.78 -0.96
CA SER A 380 -7.25 1.86 0.49
C SER A 380 -7.89 0.60 1.06
N LEU A 381 -7.15 -0.10 1.93
CA LEU A 381 -7.67 -1.27 2.63
C LEU A 381 -8.45 -2.15 1.67
N SER A 382 -9.69 -2.49 2.06
CA SER A 382 -10.66 -3.08 1.15
C SER A 382 -11.85 -2.13 0.89
N GLY A 383 -11.70 -0.87 1.31
CA GLY A 383 -12.73 0.14 1.13
C GLY A 383 -12.69 0.75 -0.27
N ASN A 384 -13.07 2.04 -0.39
CA ASN A 384 -13.12 2.72 -1.67
C ASN A 384 -12.32 4.03 -1.62
N THR A 385 -11.03 3.93 -1.94
CA THR A 385 -10.19 5.11 -2.11
C THR A 385 -8.86 4.70 -2.75
N GLU A 386 -8.44 5.49 -3.75
CA GLU A 386 -7.15 5.29 -4.41
C GLU A 386 -6.31 6.54 -4.21
N THR A 387 -5.15 6.36 -3.55
CA THR A 387 -4.22 7.45 -3.31
C THR A 387 -3.12 7.44 -4.37
N PHE A 388 -2.94 8.59 -5.03
CA PHE A 388 -1.89 8.77 -6.01
C PHE A 388 -0.69 9.38 -5.30
N LEU A 389 0.44 8.65 -5.32
CA LEU A 389 1.63 9.03 -4.58
C LEU A 389 2.75 9.45 -5.52
N ALA A 390 3.46 10.52 -5.15
CA ALA A 390 4.74 10.87 -5.74
C ALA A 390 5.81 10.77 -4.64
N ILE A 391 6.97 10.23 -5.01
CA ILE A 391 8.08 10.05 -4.09
C ILE A 391 9.31 10.71 -4.68
N GLN A 392 10.10 11.36 -3.83
CA GLN A 392 11.27 12.12 -4.24
C GLN A 392 12.45 11.77 -3.33
N PRO A 393 13.27 10.76 -3.69
CA PRO A 393 14.45 10.43 -2.90
C PRO A 393 15.54 11.50 -2.97
N PHE A 394 16.36 11.58 -1.92
CA PHE A 394 17.50 12.47 -1.88
C PHE A 394 18.49 12.04 -0.81
N ASP A 395 19.78 12.25 -1.06
CA ASP A 395 20.80 12.01 -0.05
C ASP A 395 21.07 13.29 0.74
N PHE A 396 20.97 13.18 2.07
CA PHE A 396 21.17 14.31 2.96
C PHE A 396 22.60 14.38 3.48
N PHE A 397 23.46 13.47 2.99
CA PHE A 397 24.89 13.50 3.25
C PHE A 397 25.56 12.78 2.09
N GLU A 398 26.31 13.53 1.29
CA GLU A 398 26.81 13.03 0.01
C GLU A 398 28.17 12.36 0.10
N GLU A 399 28.99 12.80 1.07
CA GLU A 399 30.37 12.38 1.18
C GLU A 399 30.54 10.86 1.24
N LYS A 400 29.86 10.21 2.19
CA LYS A 400 30.02 8.79 2.43
C LYS A 400 29.07 7.98 1.56
N GLY A 401 29.62 7.00 0.82
CA GLY A 401 28.83 6.15 -0.04
C GLY A 401 29.67 5.43 -1.08
N ASN A 405 23.55 5.55 -0.78
CA ASN A 405 23.12 4.28 -0.19
C ASN A 405 22.62 4.48 1.24
N HIS A 406 23.53 4.80 2.16
CA HIS A 406 23.24 4.79 3.59
C HIS A 406 22.71 6.11 4.15
N TRP A 407 22.85 7.21 3.39
CA TRP A 407 22.43 8.52 3.85
C TRP A 407 21.31 9.13 2.99
N ARG A 408 20.24 8.36 2.78
CA ARG A 408 19.18 8.75 1.86
C ARG A 408 17.82 8.79 2.55
N TRP A 409 17.05 9.84 2.23
CA TRP A 409 15.66 9.97 2.63
C TRP A 409 14.82 10.13 1.38
N ALA A 410 13.51 10.24 1.56
CA ALA A 410 12.61 10.64 0.48
C ALA A 410 11.43 11.45 1.02
N ILE A 411 10.85 12.27 0.15
CA ILE A 411 9.61 12.96 0.45
C ILE A 411 8.50 12.39 -0.45
N GLY A 412 7.43 11.91 0.18
CA GLY A 412 6.22 11.54 -0.53
C GLY A 412 5.12 12.58 -0.40
N LYS A 413 4.59 13.02 -1.55
CA LYS A 413 3.42 13.89 -1.59
C LYS A 413 2.28 13.14 -2.26
N TYR A 414 1.23 12.81 -1.48
CA TYR A 414 0.17 11.93 -1.92
C TYR A 414 -1.15 12.68 -2.10
N VAL A 415 -2.04 12.09 -2.91
CA VAL A 415 -3.37 12.63 -3.15
C VAL A 415 -4.38 11.48 -3.11
N ASN A 416 -5.15 11.43 -2.02
CA ASN A 416 -6.18 10.41 -1.83
C ASN A 416 -7.46 10.77 -2.59
N LYS A 417 -8.00 9.80 -3.32
CA LYS A 417 -9.20 10.01 -4.12
C LYS A 417 -10.22 8.91 -3.83
N SER A 418 -11.49 9.32 -3.68
CA SER A 418 -12.57 8.38 -3.45
C SER A 418 -12.90 7.63 -4.73
N LEU A 419 -12.92 6.28 -4.65
CA LEU A 419 -13.16 5.44 -5.80
C LEU A 419 -14.63 5.05 -5.88
N VAL A 420 -15.36 5.66 -6.83
CA VAL A 420 -16.76 5.36 -7.05
C VAL A 420 -16.91 4.04 -7.80
N PHE A 421 -17.53 3.05 -7.14
CA PHE A 421 -17.76 1.74 -7.72
C PHE A 421 -19.05 1.70 -8.54
N SER A 422 -19.12 0.73 -9.46
CA SER A 422 -20.27 0.56 -10.33
C SER A 422 -21.41 -0.12 -9.58
N SER A 423 -21.17 -1.36 -9.15
CA SER A 423 -22.19 -2.17 -8.49
C SER A 423 -21.82 -2.47 -7.04
N HIS A 424 -22.86 -2.71 -6.23
CA HIS A 424 -22.71 -3.30 -4.90
C HIS A 424 -23.86 -4.25 -4.63
N SER A 425 -23.55 -5.40 -4.04
CA SER A 425 -24.58 -6.28 -3.50
C SER A 425 -24.02 -7.21 -2.43
N ASN A 426 -24.87 -7.56 -1.46
CA ASN A 426 -24.52 -8.50 -0.41
C ASN A 426 -25.06 -9.89 -0.75
N VAL A 427 -24.13 -10.83 -0.98
CA VAL A 427 -24.45 -12.19 -1.40
C VAL A 427 -24.68 -13.08 -0.19
N TYR A 428 -25.94 -13.19 0.23
CA TYR A 428 -26.28 -14.01 1.43
C TYR A 428 -26.10 -15.48 1.10
N ILE A 429 -25.10 -16.10 1.72
CA ILE A 429 -24.79 -17.52 1.41
C ILE A 429 -25.27 -18.41 2.56
N THR A 430 -26.00 -19.49 2.24
CA THR A 430 -26.44 -20.43 3.28
C THR A 430 -25.87 -21.78 2.94
N ALA A 431 -25.59 -22.58 3.96
CA ALA A 431 -25.08 -23.94 3.73
C ALA A 431 -26.18 -24.83 3.15
N ASP A 432 -25.78 -25.77 2.30
CA ASP A 432 -26.76 -26.74 1.77
C ASP A 432 -26.74 -27.94 2.72
N LYS A 433 -26.27 -29.10 2.25
CA LYS A 433 -26.18 -30.33 3.06
C LYS A 433 -26.38 -31.52 2.12
N GLN A 434 -27.57 -31.61 1.53
CA GLN A 434 -27.88 -32.72 0.60
C GLN A 434 -26.73 -32.88 -0.41
N LYS A 435 -26.23 -31.77 -0.96
CA LYS A 435 -25.20 -31.86 -2.02
C LYS A 435 -23.83 -31.49 -1.48
N ASN A 436 -23.60 -31.64 -0.17
CA ASN A 436 -22.31 -31.25 0.46
C ASN A 436 -21.82 -29.96 -0.18
N GLY A 437 -22.71 -28.98 -0.30
CA GLY A 437 -22.32 -27.74 -0.99
C GLY A 437 -22.88 -26.52 -0.30
N ILE A 438 -22.98 -25.42 -1.03
CA ILE A 438 -23.49 -24.17 -0.44
C ILE A 438 -24.48 -23.55 -1.44
N LYS A 439 -25.31 -22.64 -0.97
CA LYS A 439 -26.32 -22.02 -1.84
C LYS A 439 -26.42 -20.53 -1.50
N ALA A 440 -26.83 -19.71 -2.46
CA ALA A 440 -26.85 -18.27 -2.19
C ALA A 440 -27.89 -17.58 -3.06
N ASN A 441 -28.42 -16.47 -2.56
CA ASN A 441 -29.37 -15.68 -3.32
C ASN A 441 -29.06 -14.19 -3.11
N PHE A 442 -29.06 -13.43 -4.21
CA PHE A 442 -28.84 -12.00 -4.15
C PHE A 442 -29.40 -11.29 -5.38
N LYS A 443 -29.66 -9.99 -5.23
CA LYS A 443 -30.20 -9.17 -6.31
C LYS A 443 -29.16 -8.16 -6.78
N ILE A 444 -29.13 -7.94 -8.11
CA ILE A 444 -28.31 -6.92 -8.73
C ILE A 444 -29.21 -5.98 -9.51
N ARG A 445 -28.96 -4.67 -9.38
CA ARG A 445 -29.73 -3.65 -10.08
C ARG A 445 -28.86 -3.01 -11.16
N HIS A 446 -29.26 -3.19 -12.43
CA HIS A 446 -28.57 -2.60 -13.55
C HIS A 446 -29.25 -1.31 -14.00
N ASN A 447 -28.46 -0.22 -14.09
CA ASN A 447 -28.98 1.06 -14.56
C ASN A 447 -29.21 1.06 -16.06
N ILE A 448 -30.34 1.64 -16.49
CA ILE A 448 -30.68 1.78 -17.89
C ILE A 448 -30.22 3.15 -18.41
N GLU A 449 -29.68 3.17 -19.63
CA GLU A 449 -29.31 4.40 -20.31
C GLU A 449 -30.51 5.33 -20.45
N ASP A 450 -30.37 6.58 -19.98
CA ASP A 450 -31.43 7.56 -20.06
C ASP A 450 -32.75 6.97 -19.59
N GLY A 451 -32.80 6.53 -18.34
CA GLY A 451 -33.95 5.79 -17.83
C GLY A 451 -33.79 5.28 -16.40
N GLY A 452 -34.40 4.12 -16.11
CA GLY A 452 -34.48 3.57 -14.77
C GLY A 452 -33.60 2.35 -14.55
N VAL A 453 -34.17 1.30 -13.93
CA VAL A 453 -33.40 0.17 -13.44
C VAL A 453 -33.96 -1.17 -13.92
N GLN A 454 -33.04 -2.10 -14.22
CA GLN A 454 -33.35 -3.46 -14.63
C GLN A 454 -32.80 -4.44 -13.60
N LEU A 455 -33.70 -5.08 -12.84
CA LEU A 455 -33.31 -5.97 -11.76
C LEU A 455 -33.00 -7.37 -12.29
N ALA A 456 -31.91 -7.96 -11.78
CA ALA A 456 -31.52 -9.32 -12.09
C ALA A 456 -31.49 -10.15 -10.80
N ASP A 457 -32.47 -11.06 -10.66
CA ASP A 457 -32.52 -11.94 -9.50
C ASP A 457 -31.55 -13.09 -9.71
N HIS A 458 -30.57 -13.21 -8.82
CA HIS A 458 -29.57 -14.26 -8.90
C HIS A 458 -29.92 -15.41 -7.94
N TYR A 459 -29.74 -16.64 -8.44
CA TYR A 459 -29.94 -17.84 -7.66
C TYR A 459 -28.75 -18.76 -7.95
N GLN A 460 -28.05 -19.17 -6.88
CA GLN A 460 -26.73 -19.76 -7.00
C GLN A 460 -26.65 -21.08 -6.24
N GLN A 461 -26.06 -22.08 -6.90
CA GLN A 461 -25.79 -23.37 -6.29
C GLN A 461 -24.31 -23.71 -6.49
N ASN A 462 -23.62 -24.06 -5.40
CA ASN A 462 -22.22 -24.46 -5.46
C ASN A 462 -22.00 -25.81 -4.79
N THR A 463 -21.57 -26.79 -5.59
CA THR A 463 -21.27 -28.13 -5.10
C THR A 463 -19.86 -28.52 -5.52
N PRO A 464 -19.16 -29.42 -4.78
CA PRO A 464 -17.81 -29.83 -5.15
C PRO A 464 -17.78 -30.92 -6.22
N ILE A 465 -16.64 -31.04 -6.90
CA ILE A 465 -16.45 -32.06 -7.92
C ILE A 465 -15.54 -33.16 -7.39
N GLY A 466 -16.16 -34.29 -6.99
CA GLY A 466 -15.44 -35.44 -6.48
C GLY A 466 -15.85 -35.82 -5.06
N ASP A 467 -14.94 -36.49 -4.36
CA ASP A 467 -15.11 -36.79 -2.94
C ASP A 467 -14.08 -36.01 -2.11
N GLY A 468 -14.40 -35.80 -0.84
CA GLY A 468 -13.51 -35.11 0.08
C GLY A 468 -14.26 -34.21 1.07
N PRO A 469 -13.61 -33.78 2.18
CA PRO A 469 -14.24 -32.91 3.16
C PRO A 469 -14.35 -31.45 2.72
N VAL A 470 -15.60 -30.99 2.57
CA VAL A 470 -15.88 -29.58 2.32
C VAL A 470 -15.83 -28.83 3.65
N LEU A 471 -16.20 -27.54 3.63
CA LEU A 471 -16.37 -26.77 4.84
C LEU A 471 -17.69 -25.99 4.76
N LEU A 472 -18.79 -26.66 5.09
CA LEU A 472 -20.12 -26.07 5.01
C LEU A 472 -20.24 -24.93 6.02
N PRO A 473 -20.50 -23.69 5.57
CA PRO A 473 -20.56 -22.53 6.47
C PRO A 473 -21.84 -22.49 7.32
N ASP A 474 -21.99 -21.40 8.09
CA ASP A 474 -23.18 -21.19 8.90
C ASP A 474 -24.20 -20.36 8.12
N ASN A 475 -23.99 -19.04 8.07
CA ASN A 475 -24.91 -18.10 7.43
C ASN A 475 -24.27 -16.72 7.39
N HIS A 476 -23.78 -16.32 6.21
CA HIS A 476 -23.04 -15.08 6.06
C HIS A 476 -23.21 -14.46 4.68
N TYR A 477 -22.79 -13.20 4.54
CA TYR A 477 -22.90 -12.47 3.28
C TYR A 477 -21.54 -12.00 2.77
N LEU A 478 -21.39 -11.99 1.44
CA LEU A 478 -20.20 -11.46 0.78
C LEU A 478 -20.50 -10.06 0.26
N SER A 479 -19.90 -9.04 0.89
CA SER A 479 -20.01 -7.67 0.43
C SER A 479 -19.12 -7.46 -0.79
N THR A 480 -19.66 -7.80 -1.97
CA THR A 480 -18.97 -7.65 -3.24
C THR A 480 -19.10 -6.21 -3.73
N GLN A 481 -18.08 -5.74 -4.44
CA GLN A 481 -18.07 -4.40 -4.99
C GLN A 481 -17.27 -4.45 -6.30
N SER A 482 -17.77 -3.77 -7.33
CA SER A 482 -17.26 -3.90 -8.67
C SER A 482 -17.12 -2.56 -9.37
N LYS A 483 -15.98 -2.35 -10.03
CA LYS A 483 -15.79 -1.18 -10.87
C LYS A 483 -15.50 -1.68 -12.28
N LEU A 484 -16.21 -1.09 -13.26
CA LEU A 484 -16.07 -1.46 -14.65
C LEU A 484 -15.41 -0.29 -15.39
N SER A 485 -14.21 -0.54 -15.90
CA SER A 485 -13.46 0.47 -16.65
C SER A 485 -13.29 -0.05 -18.07
N LYS A 486 -12.56 0.70 -18.89
CA LYS A 486 -12.36 0.35 -20.28
C LYS A 486 -10.89 0.55 -20.59
N ASP A 487 -10.30 -0.37 -21.37
CA ASP A 487 -8.92 -0.24 -21.81
C ASP A 487 -8.86 0.57 -23.11
N PRO A 488 -8.25 1.79 -23.09
CA PRO A 488 -8.20 2.62 -24.28
C PRO A 488 -7.48 2.00 -25.49
N ASN A 489 -6.67 0.97 -25.26
CA ASN A 489 -5.88 0.36 -26.32
C ASN A 489 -6.44 -0.96 -26.87
N GLU A 490 -7.37 -1.59 -26.14
CA GLU A 490 -7.98 -2.82 -26.59
C GLU A 490 -8.90 -2.58 -27.79
N LYS A 491 -8.71 -3.34 -28.87
CA LYS A 491 -9.40 -3.10 -30.12
C LYS A 491 -10.69 -3.92 -30.27
N ARG A 492 -10.89 -4.89 -29.38
CA ARG A 492 -12.06 -5.75 -29.43
C ARG A 492 -12.96 -5.42 -28.26
N ASP A 493 -14.28 -5.65 -28.43
CA ASP A 493 -15.24 -5.50 -27.37
C ASP A 493 -14.65 -6.13 -26.11
N HIS A 494 -14.52 -5.35 -25.04
CA HIS A 494 -13.86 -5.81 -23.83
C HIS A 494 -14.45 -5.19 -22.56
N MET A 495 -13.96 -5.69 -21.41
CA MET A 495 -14.34 -5.15 -20.12
C MET A 495 -13.21 -5.45 -19.13
N VAL A 496 -12.70 -4.40 -18.47
CA VAL A 496 -11.76 -4.55 -17.37
C VAL A 496 -12.55 -4.37 -16.08
N LEU A 497 -12.10 -5.05 -15.02
CA LEU A 497 -12.88 -5.20 -13.81
C LEU A 497 -11.99 -5.16 -12.57
N LEU A 498 -12.33 -4.26 -11.65
CA LEU A 498 -11.72 -4.20 -10.33
C LEU A 498 -12.78 -4.57 -9.29
N GLU A 499 -12.54 -5.67 -8.55
CA GLU A 499 -13.48 -6.18 -7.56
C GLU A 499 -12.90 -6.22 -6.15
N PHE A 500 -13.76 -5.96 -5.16
CA PHE A 500 -13.39 -6.02 -3.75
C PHE A 500 -14.41 -6.87 -2.99
N VAL A 501 -14.05 -8.15 -2.78
CA VAL A 501 -14.96 -9.15 -2.25
C VAL A 501 -14.60 -9.48 -0.80
N THR A 502 -15.32 -8.84 0.13
CA THR A 502 -15.09 -8.99 1.55
C THR A 502 -16.25 -9.74 2.21
N ALA A 503 -15.93 -10.65 3.13
CA ALA A 503 -16.92 -11.44 3.84
C ALA A 503 -17.24 -10.85 5.21
N ALA A 504 -18.54 -10.80 5.55
CA ALA A 504 -19.00 -10.24 6.80
C ALA A 504 -20.38 -10.79 7.17
N GLY A 505 -20.62 -11.01 8.47
CA GLY A 505 -21.89 -11.53 8.95
C GLY A 505 -21.81 -12.17 10.31
#